data_2W5P
#
_entry.id   2W5P
#
_cell.length_a   118.941
_cell.length_b   68.553
_cell.length_c   62.061
_cell.angle_alpha   90.00
_cell.angle_beta   111.17
_cell.angle_gamma   90.00
#
_symmetry.space_group_name_H-M   'C 1 2 1'
#
loop_
_entity.id
_entity.type
_entity.pdbx_description
1 polymer 'DR HEMAGGLUTININ STRUCTURAL SUBUNIT'
2 non-polymer 'CHLORAMPHENICOL SUCCINATE'
3 non-polymer 'SULFATE ION'
4 water water
#
_entity_poly.entity_id   1
_entity_poly.type   'polypeptide(L)'
_entity_poly.pdbx_seq_one_letter_code
;RGSHHHHHHGSFTPSGTTGTTKLTVTEKCQVRVGDLTVAKTRGQLTDAAPIGPVTVQALGCDARQVALKADTDNFEQGKF
FLISDNNRDKLYVNIRPTDNSAWTTDNGVFYKNDVGSWGGIIGIYVDGQQTNTPPGNYTLTLTGGYWAK
;
_entity_poly.pdbx_strand_id   A,B,C
#
loop_
_chem_comp.id
_chem_comp.type
_chem_comp.name
_chem_comp.formula
CL8 non-polymer 'CHLORAMPHENICOL SUCCINATE' 'C15 H16 Cl2 N2 O8'
SO4 non-polymer 'SULFATE ION' 'O4 S -2'
#
# COMPACT_ATOMS: atom_id res chain seq x y z
N GLY A 10 15.33 -6.41 -30.35
CA GLY A 10 15.35 -6.12 -28.91
C GLY A 10 14.09 -6.59 -28.17
N SER A 11 14.28 -7.30 -27.06
CA SER A 11 13.16 -7.82 -26.31
C SER A 11 13.38 -7.79 -24.78
N PHE A 12 12.36 -7.32 -24.06
CA PHE A 12 12.38 -7.27 -22.60
C PHE A 12 11.69 -8.50 -22.00
N THR A 13 12.33 -9.15 -21.05
CA THR A 13 11.73 -10.27 -20.35
C THR A 13 11.45 -9.81 -18.91
N PRO A 14 10.18 -9.68 -18.53
CA PRO A 14 9.85 -9.26 -17.15
C PRO A 14 10.33 -10.34 -16.19
N SER A 15 11.12 -9.94 -15.19
CA SER A 15 11.64 -10.92 -14.25
C SER A 15 12.19 -10.18 -13.06
N GLY A 16 11.28 -9.84 -12.13
CA GLY A 16 11.65 -9.09 -10.94
C GLY A 16 10.43 -8.30 -10.44
N THR A 17 10.66 -7.44 -9.47
CA THR A 17 9.58 -6.71 -8.84
C THR A 17 9.37 -5.37 -9.49
N THR A 18 8.23 -4.79 -9.15
CA THR A 18 7.76 -3.53 -9.71
C THR A 18 7.85 -2.48 -8.64
N GLY A 19 8.54 -1.39 -8.93
CA GLY A 19 8.70 -0.27 -8.00
C GLY A 19 7.89 0.92 -8.53
N THR A 20 7.09 1.53 -7.65
CA THR A 20 6.22 2.65 -8.04
C THR A 20 6.68 3.90 -7.37
N THR A 21 7.15 4.86 -8.16
CA THR A 21 7.58 6.18 -7.64
C THR A 21 6.37 7.13 -7.58
N LYS A 22 6.03 7.60 -6.37
CA LYS A 22 4.93 8.54 -6.18
C LYS A 22 5.50 9.94 -5.86
N LEU A 23 4.96 10.93 -6.53
CA LEU A 23 5.39 12.30 -6.30
C LEU A 23 4.13 13.15 -6.07
N THR A 24 4.12 14.00 -5.06
CA THR A 24 2.98 14.91 -4.90
C THR A 24 3.48 16.30 -5.25
N VAL A 25 2.86 16.95 -6.24
CA VAL A 25 3.26 18.30 -6.65
C VAL A 25 2.30 19.25 -5.93
N THR A 26 2.87 20.26 -5.26
CA THR A 26 2.09 21.17 -4.43
C THR A 26 2.34 22.63 -4.78
N GLU A 27 1.61 23.53 -4.12
CA GLU A 27 1.95 24.96 -4.20
C GLU A 27 3.03 25.24 -3.14
N LYS A 28 3.38 26.51 -2.95
CA LYS A 28 4.40 26.85 -1.97
C LYS A 28 4.02 26.45 -0.55
N CYS A 29 2.77 26.73 -0.17
CA CYS A 29 2.26 26.32 1.12
C CYS A 29 1.84 24.85 0.92
N GLN A 30 2.55 23.99 1.63
CA GLN A 30 2.53 22.56 1.44
C GLN A 30 2.15 21.92 2.76
N VAL A 31 1.05 21.16 2.76
CA VAL A 31 0.54 20.49 3.99
C VAL A 31 0.64 18.96 3.90
N ARG A 32 1.65 18.43 4.58
CA ARG A 32 1.92 17.01 4.58
C ARG A 32 1.01 16.34 5.62
N VAL A 33 0.23 15.34 5.17
CA VAL A 33 -0.71 14.60 6.02
C VAL A 33 -0.30 13.12 5.99
N GLY A 34 -0.15 12.54 7.17
CA GLY A 34 0.18 11.14 7.28
C GLY A 34 1.69 10.89 7.06
N ASP A 35 2.03 9.65 6.75
CA ASP A 35 3.45 9.33 6.64
C ASP A 35 4.18 9.99 5.51
N LEU A 36 5.47 10.20 5.74
CA LEU A 36 6.35 10.86 4.81
C LEU A 36 6.29 10.25 3.43
N THR A 37 6.22 11.12 2.42
CA THR A 37 6.24 10.72 1.02
C THR A 37 6.93 11.88 0.29
N VAL A 38 7.34 11.65 -0.95
CA VAL A 38 8.01 12.68 -1.74
C VAL A 38 7.05 13.71 -2.28
N ALA A 39 7.28 14.95 -1.91
CA ALA A 39 6.46 16.05 -2.38
C ALA A 39 7.43 17.14 -2.83
N LYS A 40 7.04 17.86 -3.87
CA LYS A 40 7.85 18.97 -4.36
C LYS A 40 6.92 20.09 -4.80
N THR A 41 7.29 21.35 -4.54
CA THR A 41 6.39 22.44 -4.97
C THR A 41 6.56 22.51 -6.50
N ARG A 42 5.61 23.11 -7.20
CA ARG A 42 5.76 23.23 -8.63
C ARG A 42 6.95 24.14 -9.02
N GLY A 43 7.29 25.09 -8.15
CA GLY A 43 8.42 25.97 -8.39
C GLY A 43 9.75 25.19 -8.37
N GLN A 44 9.74 24.00 -7.76
CA GLN A 44 10.98 23.19 -7.69
C GLN A 44 11.17 22.33 -8.95
N LEU A 45 10.20 22.32 -9.85
CA LEU A 45 10.31 21.46 -11.03
C LEU A 45 11.07 22.14 -12.21
N THR A 46 12.34 22.48 -11.91
CA THR A 46 13.22 23.10 -12.88
C THR A 46 13.95 21.99 -13.65
N ASP A 47 14.42 22.29 -14.84
CA ASP A 47 15.14 21.29 -15.62
C ASP A 47 16.25 20.70 -14.78
N ALA A 48 16.34 19.36 -14.80
CA ALA A 48 17.33 18.58 -14.04
C ALA A 48 17.08 18.37 -12.57
N ALA A 49 16.01 18.98 -12.04
CA ALA A 49 15.71 18.86 -10.61
C ALA A 49 15.49 17.39 -10.27
N PRO A 50 16.09 16.94 -9.17
CA PRO A 50 15.92 15.53 -8.74
C PRO A 50 14.53 15.31 -8.18
N ILE A 51 13.91 14.20 -8.58
CA ILE A 51 12.56 13.84 -8.08
C ILE A 51 12.73 12.77 -7.00
N GLY A 52 13.60 11.80 -7.25
CA GLY A 52 13.83 10.74 -6.30
C GLY A 52 14.56 9.53 -6.87
N PRO A 53 14.95 8.64 -5.99
CA PRO A 53 15.71 7.51 -6.40
C PRO A 53 14.84 6.26 -6.58
N VAL A 54 15.33 5.35 -7.39
CA VAL A 54 14.71 4.04 -7.52
C VAL A 54 15.82 3.08 -7.26
N THR A 55 15.73 2.37 -6.13
CA THR A 55 16.77 1.39 -5.82
C THR A 55 16.58 0.14 -6.72
N VAL A 56 17.69 -0.40 -7.15
CA VAL A 56 17.65 -1.58 -8.03
C VAL A 56 18.69 -2.58 -7.56
N GLN A 57 18.30 -3.85 -7.40
CA GLN A 57 19.30 -4.91 -7.12
C GLN A 57 19.00 -6.17 -7.91
N ALA A 58 19.92 -6.51 -8.81
CA ALA A 58 19.83 -7.72 -9.62
C ALA A 58 20.53 -8.88 -8.96
N LEU A 59 20.00 -10.08 -9.17
CA LEU A 59 20.61 -11.32 -8.69
C LEU A 59 20.47 -12.39 -9.79
N GLY A 60 21.51 -13.18 -9.98
CA GLY A 60 21.49 -14.29 -10.96
C GLY A 60 21.49 -13.79 -12.39
N CYS A 61 21.97 -12.58 -12.61
CA CYS A 61 22.05 -12.01 -13.94
C CYS A 61 23.50 -11.86 -14.42
N ASP A 62 24.43 -12.68 -13.93
CA ASP A 62 25.85 -12.48 -14.33
C ASP A 62 26.07 -12.47 -15.84
N ALA A 63 25.21 -13.17 -16.56
CA ALA A 63 25.30 -13.25 -18.04
C ALA A 63 24.12 -12.56 -18.79
N ARG A 64 23.36 -11.71 -18.10
CA ARG A 64 22.21 -11.03 -18.74
C ARG A 64 22.30 -9.52 -18.55
N GLN A 65 21.58 -8.79 -19.37
CA GLN A 65 21.57 -7.33 -19.26
C GLN A 65 20.38 -6.90 -18.41
N VAL A 66 20.67 -6.30 -17.27
CA VAL A 66 19.60 -5.83 -16.39
C VAL A 66 18.79 -4.77 -17.12
N ALA A 67 17.48 -4.77 -16.89
CA ALA A 67 16.59 -3.77 -17.52
C ALA A 67 15.37 -3.42 -16.64
N LEU A 68 14.79 -2.24 -16.88
CA LEU A 68 13.56 -1.78 -16.24
C LEU A 68 12.57 -1.44 -17.37
N LYS A 69 11.31 -1.83 -17.23
CA LYS A 69 10.30 -1.45 -18.22
C LYS A 69 9.28 -0.57 -17.55
N ALA A 70 9.03 0.60 -18.12
CA ALA A 70 7.99 1.48 -17.56
C ALA A 70 6.61 0.98 -17.96
N ASP A 71 5.60 1.32 -17.19
CA ASP A 71 4.23 1.02 -17.54
C ASP A 71 3.88 1.76 -18.82
N THR A 72 2.95 1.18 -19.57
CA THR A 72 2.51 1.78 -20.84
C THR A 72 2.17 3.28 -20.74
N ASP A 73 1.49 3.67 -19.68
CA ASP A 73 1.11 5.09 -19.53
C ASP A 73 2.20 5.97 -18.90
N ASN A 74 3.45 5.49 -18.92
CA ASN A 74 4.57 6.29 -18.38
C ASN A 74 5.64 6.58 -19.44
N PHE A 75 5.34 6.29 -20.70
CA PHE A 75 6.31 6.58 -21.76
C PHE A 75 5.57 6.84 -23.07
N GLU A 76 5.93 7.89 -23.81
CA GLU A 76 5.22 8.17 -25.07
C GLU A 76 6.36 8.44 -26.01
N GLN A 77 7.03 7.36 -26.31
CA GLN A 77 8.26 7.30 -27.04
C GLN A 77 9.25 8.41 -27.29
N GLY A 78 10.46 8.04 -26.89
CA GLY A 78 11.55 8.94 -26.75
C GLY A 78 11.54 9.25 -25.25
N LYS A 79 10.36 9.61 -24.74
CA LYS A 79 10.26 10.13 -23.39
C LYS A 79 9.55 9.33 -22.29
N PHE A 80 10.16 9.32 -21.10
CA PHE A 80 9.52 8.76 -19.88
C PHE A 80 8.83 9.96 -19.17
N PHE A 81 7.75 9.67 -18.46
CA PHE A 81 7.04 10.69 -17.66
C PHE A 81 6.22 9.99 -16.55
N LEU A 82 6.08 10.70 -15.42
CA LEU A 82 5.16 10.32 -14.35
C LEU A 82 3.79 10.78 -14.85
N ILE A 83 2.77 9.98 -14.56
CA ILE A 83 1.40 10.29 -14.98
C ILE A 83 0.58 10.68 -13.77
N SER A 84 -0.22 11.73 -13.93
CA SER A 84 -1.11 12.17 -12.84
C SER A 84 -2.16 11.10 -12.61
N ASP A 85 -2.78 11.12 -11.43
CA ASP A 85 -3.89 10.21 -11.12
C ASP A 85 -5.10 10.55 -12.03
N ASN A 86 -5.15 11.77 -12.57
CA ASN A 86 -6.25 12.13 -13.46
C ASN A 86 -6.03 11.50 -14.83
N ASN A 87 -4.85 10.89 -14.97
CA ASN A 87 -4.49 10.20 -16.19
C ASN A 87 -4.33 11.14 -17.35
N ARG A 88 -4.14 12.42 -17.03
CA ARG A 88 -4.03 13.46 -18.05
C ARG A 88 -2.67 14.17 -18.01
N ASP A 89 -2.36 14.74 -16.86
CA ASP A 89 -1.16 15.55 -16.72
C ASP A 89 0.07 14.68 -16.59
N LYS A 90 1.13 15.11 -17.24
CA LYS A 90 2.38 14.37 -17.30
C LYS A 90 3.52 15.22 -16.80
N LEU A 91 4.50 14.58 -16.17
CA LEU A 91 5.74 15.27 -15.82
C LEU A 91 6.87 14.50 -16.46
N TYR A 92 7.45 15.07 -17.51
CA TYR A 92 8.56 14.40 -18.21
C TYR A 92 9.79 14.36 -17.36
N VAL A 93 10.49 13.23 -17.44
CA VAL A 93 11.69 12.97 -16.67
C VAL A 93 12.73 12.23 -17.47
N ASN A 94 13.97 12.35 -16.98
CA ASN A 94 15.07 11.55 -17.45
C ASN A 94 15.41 10.64 -16.28
N ILE A 95 15.84 9.42 -16.57
CA ILE A 95 16.27 8.52 -15.53
C ILE A 95 17.72 8.16 -15.85
N ARG A 96 18.56 8.13 -14.83
CA ARG A 96 20.00 7.92 -15.02
C ARG A 96 20.59 7.28 -13.78
N PRO A 97 21.44 6.25 -13.97
CA PRO A 97 22.06 5.61 -12.80
C PRO A 97 23.05 6.57 -12.12
N THR A 98 23.08 6.54 -10.79
CA THR A 98 24.00 7.40 -10.05
C THR A 98 25.47 7.06 -10.29
N ASP A 99 25.77 5.82 -10.66
CA ASP A 99 27.17 5.39 -10.90
C ASP A 99 27.66 5.77 -12.32
N ASN A 100 26.79 6.42 -13.07
CA ASN A 100 27.14 6.85 -14.42
C ASN A 100 27.46 5.73 -15.39
N SER A 101 26.98 4.52 -15.09
CA SER A 101 27.14 3.38 -16.00
C SER A 101 26.34 3.60 -17.30
N ALA A 102 26.67 2.85 -18.34
CA ALA A 102 26.02 3.03 -19.63
C ALA A 102 24.73 2.23 -19.79
N TRP A 103 23.64 2.93 -20.09
CA TRP A 103 22.34 2.30 -20.35
C TRP A 103 21.74 2.86 -21.64
N THR A 104 20.79 2.12 -22.22
CA THR A 104 20.07 2.58 -23.42
C THR A 104 18.58 2.58 -23.13
N THR A 105 17.86 3.49 -23.79
CA THR A 105 16.40 3.59 -23.75
C THR A 105 15.84 2.96 -25.02
N ASP A 106 14.87 2.08 -24.88
CA ASP A 106 14.25 1.48 -26.04
C ASP A 106 12.76 1.27 -25.83
N ASN A 107 11.95 2.19 -26.36
CA ASN A 107 10.49 2.05 -26.31
C ASN A 107 9.95 1.63 -24.94
N GLY A 108 10.27 2.42 -23.90
CA GLY A 108 9.77 2.14 -22.55
C GLY A 108 10.68 1.28 -21.71
N VAL A 109 11.71 0.73 -22.32
CA VAL A 109 12.69 -0.09 -21.62
C VAL A 109 13.99 0.70 -21.46
N PHE A 110 14.57 0.64 -20.26
CA PHE A 110 15.83 1.26 -19.93
C PHE A 110 16.70 0.09 -19.54
N TYR A 111 17.66 -0.26 -20.40
CA TYR A 111 18.51 -1.44 -20.16
C TYR A 111 20.02 -1.12 -20.12
N LYS A 112 20.74 -1.93 -19.36
CA LYS A 112 22.18 -1.74 -19.18
C LYS A 112 22.97 -2.29 -20.38
N ASN A 113 23.93 -1.50 -20.86
CA ASN A 113 24.73 -1.87 -22.03
C ASN A 113 25.60 -3.13 -21.83
N ASP A 114 25.94 -3.45 -20.59
CA ASP A 114 26.77 -4.63 -20.32
C ASP A 114 26.04 -5.61 -19.41
N VAL A 115 26.37 -6.89 -19.55
CA VAL A 115 25.80 -7.94 -18.73
C VAL A 115 26.33 -7.79 -17.32
N GLY A 116 25.63 -8.39 -16.34
CA GLY A 116 26.10 -8.36 -14.96
C GLY A 116 24.99 -8.04 -13.97
N SER A 117 25.13 -8.56 -12.74
CA SER A 117 24.16 -8.36 -11.66
C SER A 117 24.30 -7.00 -10.99
N TRP A 118 23.97 -5.99 -11.74
CA TRP A 118 24.12 -4.62 -11.27
C TRP A 118 23.29 -4.34 -10.03
N GLY A 119 23.83 -3.53 -9.14
CA GLY A 119 23.04 -2.96 -8.03
C GLY A 119 23.31 -1.46 -8.09
N GLY A 120 22.31 -0.63 -7.80
CA GLY A 120 22.57 0.78 -7.85
C GLY A 120 21.30 1.58 -7.66
N ILE A 121 21.39 2.86 -8.00
CA ILE A 121 20.27 3.75 -7.81
C ILE A 121 19.97 4.39 -9.16
N ILE A 122 18.73 4.31 -9.59
CA ILE A 122 18.28 5.01 -10.80
C ILE A 122 17.63 6.31 -10.34
N GLY A 123 18.29 7.44 -10.59
CA GLY A 123 17.75 8.73 -10.19
C GLY A 123 16.71 9.19 -11.23
N ILE A 124 15.62 9.81 -10.75
CA ILE A 124 14.59 10.39 -11.61
C ILE A 124 14.79 11.91 -11.53
N TYR A 125 14.91 12.55 -12.69
CA TYR A 125 15.14 14.01 -12.80
C TYR A 125 14.16 14.66 -13.76
N VAL A 126 13.73 15.88 -13.46
CA VAL A 126 12.82 16.63 -14.35
C VAL A 126 13.53 16.86 -15.70
N ASP A 127 12.82 16.56 -16.78
CA ASP A 127 13.38 16.73 -18.12
C ASP A 127 12.68 17.96 -18.74
N GLY A 128 13.30 19.14 -18.56
CA GLY A 128 12.77 20.40 -19.07
C GLY A 128 11.91 21.09 -18.02
N GLN A 129 12.02 22.41 -17.94
CA GLN A 129 11.22 23.16 -16.95
C GLN A 129 9.76 22.87 -17.03
N GLN A 130 9.20 22.49 -15.89
CA GLN A 130 7.79 22.17 -15.80
C GLN A 130 7.21 22.72 -14.50
N THR A 131 7.47 24.00 -14.27
CA THR A 131 7.00 24.68 -13.05
C THR A 131 5.51 25.01 -13.13
N ASN A 132 4.89 24.78 -14.28
CA ASN A 132 3.45 24.99 -14.37
C ASN A 132 2.66 23.66 -14.10
N THR A 133 3.40 22.59 -13.78
CA THR A 133 2.76 21.30 -13.45
C THR A 133 1.63 21.48 -12.43
N PRO A 134 0.44 21.00 -12.77
CA PRO A 134 -0.69 21.16 -11.87
C PRO A 134 -0.46 20.32 -10.62
N PRO A 135 -0.79 20.90 -9.47
CA PRO A 135 -0.65 20.16 -8.21
C PRO A 135 -1.46 18.86 -8.38
N GLY A 136 -0.97 17.79 -7.80
CA GLY A 136 -1.67 16.50 -7.87
C GLY A 136 -0.69 15.39 -7.53
N ASN A 137 -1.12 14.14 -7.72
CA ASN A 137 -0.29 12.98 -7.39
C ASN A 137 0.14 12.30 -8.67
N TYR A 138 1.44 12.12 -8.79
CA TYR A 138 2.01 11.63 -10.03
C TYR A 138 2.76 10.32 -9.77
N THR A 139 2.73 9.39 -10.72
CA THR A 139 3.42 8.14 -10.54
C THR A 139 4.19 7.68 -11.76
N LEU A 140 5.30 7.00 -11.51
CA LEU A 140 6.08 6.31 -12.55
C LEU A 140 6.28 4.88 -12.03
N THR A 141 5.90 3.91 -12.84
CA THR A 141 6.01 2.51 -12.43
C THR A 141 7.02 1.80 -13.32
N LEU A 142 8.01 1.14 -12.69
CA LEU A 142 9.06 0.40 -13.41
C LEU A 142 9.11 -1.04 -12.94
N THR A 143 9.26 -1.94 -13.90
CA THR A 143 9.30 -3.37 -13.60
C THR A 143 10.66 -3.93 -13.96
N GLY A 144 11.22 -4.76 -13.07
CA GLY A 144 12.54 -5.31 -13.30
C GLY A 144 12.48 -6.50 -14.27
N GLY A 145 13.53 -6.66 -15.05
CA GLY A 145 13.64 -7.76 -15.99
C GLY A 145 14.99 -7.63 -16.69
N TYR A 146 15.13 -8.31 -17.83
CA TYR A 146 16.38 -8.29 -18.55
C TYR A 146 16.11 -8.14 -20.04
N TRP A 147 17.15 -7.71 -20.74
CA TRP A 147 17.08 -7.39 -22.15
C TRP A 147 17.89 -8.32 -23.04
N ALA A 148 17.48 -8.36 -24.31
CA ALA A 148 18.19 -9.07 -25.39
C ALA A 148 17.63 -8.57 -26.75
N LYS A 149 18.44 -8.42 -27.81
CA LYS A 149 19.86 -8.79 -27.98
C LYS A 149 20.70 -9.40 -26.85
N GLY B 10 -20.54 -25.93 10.39
CA GLY B 10 -19.47 -24.96 10.73
C GLY B 10 -19.68 -23.58 10.11
N SER B 11 -19.33 -22.54 10.86
CA SER B 11 -19.50 -21.14 10.40
C SER B 11 -18.35 -20.18 10.80
N PHE B 12 -17.84 -19.44 9.82
CA PHE B 12 -16.79 -18.42 10.07
C PHE B 12 -17.39 -17.04 10.36
N THR B 13 -16.95 -16.40 11.43
CA THR B 13 -17.33 -15.02 11.78
C THR B 13 -16.08 -14.13 11.60
N PRO B 14 -16.12 -13.25 10.60
CA PRO B 14 -15.02 -12.34 10.34
C PRO B 14 -14.84 -11.43 11.54
N SER B 15 -13.63 -11.37 12.08
CA SER B 15 -13.40 -10.52 13.24
C SER B 15 -11.91 -10.35 13.48
N GLY B 16 -11.34 -9.34 12.83
CA GLY B 16 -9.90 -9.09 12.87
C GLY B 16 -9.44 -8.51 11.50
N THR B 17 -8.13 -8.39 11.35
CA THR B 17 -7.56 -7.74 10.18
C THR B 17 -7.31 -8.71 9.04
N THR B 18 -7.08 -8.13 7.87
CA THR B 18 -6.80 -8.90 6.67
C THR B 18 -5.31 -8.74 6.35
N GLY B 19 -4.62 -9.85 6.15
CA GLY B 19 -3.20 -9.83 5.77
C GLY B 19 -3.10 -10.34 4.32
N THR B 20 -2.28 -9.67 3.51
CA THR B 20 -2.17 -10.03 2.09
C THR B 20 -0.74 -10.43 1.80
N THR B 21 -0.52 -11.74 1.53
CA THR B 21 0.80 -12.25 1.14
C THR B 21 1.04 -11.99 -0.37
N LYS B 22 2.12 -11.28 -0.70
CA LYS B 22 2.47 -11.03 -2.09
C LYS B 22 3.74 -11.81 -2.46
N LEU B 23 3.66 -12.48 -3.58
CA LEU B 23 4.81 -13.21 -4.07
C LEU B 23 5.09 -12.77 -5.52
N THR B 24 6.34 -12.46 -5.84
CA THR B 24 6.72 -12.21 -7.23
C THR B 24 7.49 -13.42 -7.74
N VAL B 25 6.96 -14.08 -8.76
CA VAL B 25 7.67 -15.20 -9.37
C VAL B 25 8.53 -14.63 -10.52
N THR B 26 9.78 -15.05 -10.58
CA THR B 26 10.73 -14.53 -11.60
C THR B 26 11.48 -15.67 -12.27
N GLU B 27 12.29 -15.34 -13.27
CA GLU B 27 13.26 -16.29 -13.86
C GLU B 27 14.53 -16.26 -12.98
N LYS B 28 15.55 -16.98 -13.40
CA LYS B 28 16.79 -17.03 -12.63
C LYS B 28 17.40 -15.65 -12.48
N CYS B 29 17.43 -14.88 -13.56
CA CYS B 29 17.95 -13.50 -13.51
C CYS B 29 16.81 -12.66 -12.99
N GLN B 30 17.01 -12.07 -11.83
CA GLN B 30 15.92 -11.47 -11.05
C GLN B 30 16.27 -10.04 -10.68
N VAL B 31 15.44 -9.07 -11.08
CA VAL B 31 15.73 -7.63 -10.83
C VAL B 31 14.76 -6.99 -9.84
N ARG B 32 15.25 -6.77 -8.61
CA ARG B 32 14.47 -6.16 -7.57
C ARG B 32 14.43 -4.63 -7.79
N VAL B 33 13.22 -4.08 -7.84
CA VAL B 33 13.04 -2.65 -8.01
C VAL B 33 12.25 -2.13 -6.82
N GLY B 34 12.80 -1.13 -6.15
CA GLY B 34 12.10 -0.49 -5.03
C GLY B 34 12.22 -1.25 -3.71
N ASP B 35 11.23 -1.05 -2.85
CA ASP B 35 11.14 -1.65 -1.52
C ASP B 35 11.37 -3.17 -1.61
N LEU B 36 11.98 -3.74 -0.58
CA LEU B 36 12.14 -5.18 -0.49
C LEU B 36 10.78 -5.88 -0.37
N THR B 37 10.58 -6.94 -1.17
CA THR B 37 9.35 -7.73 -1.11
C THR B 37 9.76 -9.18 -1.39
N VAL B 38 8.84 -10.11 -1.23
CA VAL B 38 9.16 -11.53 -1.41
C VAL B 38 9.15 -11.97 -2.86
N ALA B 39 10.28 -12.51 -3.32
CA ALA B 39 10.37 -12.99 -4.69
C ALA B 39 11.01 -14.36 -4.67
N LYS B 40 10.62 -15.20 -5.60
CA LYS B 40 11.23 -16.51 -5.76
C LYS B 40 11.39 -16.81 -7.24
N THR B 41 12.44 -17.54 -7.64
CA THR B 41 12.56 -17.87 -9.05
C THR B 41 11.58 -19.03 -9.25
N ARG B 42 11.20 -19.33 -10.48
CA ARG B 42 10.32 -20.47 -10.69
C ARG B 42 10.93 -21.82 -10.33
N GLY B 43 12.26 -21.93 -10.46
CA GLY B 43 12.97 -23.16 -10.07
C GLY B 43 12.93 -23.42 -8.58
N GLN B 44 12.61 -22.39 -7.80
CA GLN B 44 12.51 -22.53 -6.35
C GLN B 44 11.15 -23.12 -5.93
N LEU B 45 10.20 -23.16 -6.84
CA LEU B 45 8.85 -23.59 -6.49
C LEU B 45 8.68 -25.12 -6.52
N THR B 46 9.54 -25.82 -5.79
CA THR B 46 9.46 -27.27 -5.71
C THR B 46 8.40 -27.60 -4.61
N ASP B 47 7.91 -28.83 -4.58
CA ASP B 47 6.95 -29.20 -3.57
C ASP B 47 7.48 -28.90 -2.16
N ALA B 48 6.63 -28.31 -1.31
CA ALA B 48 6.97 -28.00 0.05
C ALA B 48 7.90 -26.80 0.30
N ALA B 49 8.33 -26.12 -0.75
CA ALA B 49 9.23 -24.98 -0.61
C ALA B 49 8.49 -23.85 0.11
N PRO B 50 9.15 -23.21 1.06
CA PRO B 50 8.51 -22.12 1.82
C PRO B 50 8.33 -20.91 0.93
N ILE B 51 7.18 -20.27 1.07
CA ILE B 51 6.90 -19.03 0.34
C ILE B 51 7.08 -17.81 1.29
N GLY B 52 6.57 -17.92 2.52
CA GLY B 52 6.63 -16.82 3.47
C GLY B 52 5.71 -17.05 4.67
N PRO B 53 5.90 -16.25 5.71
CA PRO B 53 5.11 -16.42 6.90
C PRO B 53 3.92 -15.42 6.92
N VAL B 54 2.88 -15.81 7.65
CA VAL B 54 1.74 -14.94 7.93
C VAL B 54 1.67 -14.87 9.45
N THR B 55 1.92 -13.69 10.00
CA THR B 55 1.92 -13.53 11.45
C THR B 55 0.47 -13.46 11.91
N VAL B 56 0.17 -14.13 13.02
CA VAL B 56 -1.18 -14.11 13.56
C VAL B 56 -1.14 -13.87 15.06
N GLN B 57 -2.07 -13.04 15.54
CA GLN B 57 -2.22 -12.83 16.98
C GLN B 57 -3.67 -12.57 17.38
N ALA B 58 -4.24 -13.52 18.11
CA ALA B 58 -5.60 -13.41 18.63
C ALA B 58 -5.60 -12.72 19.99
N LEU B 59 -6.68 -11.99 20.28
CA LEU B 59 -6.90 -11.38 21.58
C LEU B 59 -8.40 -11.57 21.85
N GLY B 60 -8.77 -11.81 23.11
CA GLY B 60 -10.18 -11.95 23.50
C GLY B 60 -10.86 -13.21 22.96
N CYS B 61 -10.05 -14.19 22.56
CA CYS B 61 -10.57 -15.43 22.03
C CYS B 61 -10.32 -16.61 22.97
N ASP B 62 -10.19 -16.35 24.27
CA ASP B 62 -9.90 -17.43 25.21
C ASP B 62 -10.91 -18.60 25.13
N ALA B 63 -12.13 -18.28 24.76
CA ALA B 63 -13.20 -19.30 24.63
C ALA B 63 -13.70 -19.49 23.17
N ARG B 64 -12.92 -19.04 22.17
CA ARG B 64 -13.33 -19.16 20.77
C ARG B 64 -12.24 -19.86 19.97
N GLN B 65 -12.61 -20.38 18.80
CA GLN B 65 -11.62 -21.03 17.95
C GLN B 65 -11.12 -20.05 16.89
N VAL B 66 -9.84 -19.72 16.96
CA VAL B 66 -9.24 -18.80 16.01
C VAL B 66 -9.29 -19.37 14.58
N ALA B 67 -9.59 -18.52 13.61
CA ALA B 67 -9.68 -18.93 12.20
C ALA B 67 -9.20 -17.86 11.23
N LEU B 68 -8.82 -18.31 10.04
CA LEU B 68 -8.46 -17.42 8.94
C LEU B 68 -9.30 -17.84 7.72
N LYS B 69 -9.87 -16.87 7.02
CA LYS B 69 -10.66 -17.16 5.81
C LYS B 69 -9.97 -16.52 4.62
N ALA B 70 -9.76 -17.31 3.56
CA ALA B 70 -9.17 -16.78 2.31
C ALA B 70 -10.21 -16.06 1.47
N ASP B 71 -9.77 -15.16 0.59
CA ASP B 71 -10.65 -14.51 -0.34
C ASP B 71 -11.20 -15.59 -1.26
N THR B 72 -12.34 -15.32 -1.88
CA THR B 72 -13.04 -16.28 -2.77
C THR B 72 -12.19 -16.78 -3.89
N ASP B 73 -11.33 -15.92 -4.39
CA ASP B 73 -10.47 -16.26 -5.50
C ASP B 73 -9.11 -16.80 -5.03
N ASN B 74 -9.05 -17.30 -3.80
CA ASN B 74 -7.83 -17.90 -3.26
C ASN B 74 -8.04 -19.35 -2.80
N PHE B 75 -9.17 -19.94 -3.14
CA PHE B 75 -9.40 -21.31 -2.74
C PHE B 75 -10.35 -21.98 -3.73
N GLU B 76 -9.94 -23.10 -4.28
CA GLU B 76 -10.82 -23.88 -5.09
C GLU B 76 -10.69 -25.25 -4.61
N GLN B 77 -11.59 -25.43 -3.64
CA GLN B 77 -11.81 -26.60 -2.83
C GLN B 77 -10.77 -27.72 -2.63
N GLY B 78 -10.58 -27.97 -1.34
CA GLY B 78 -9.50 -28.78 -0.84
C GLY B 78 -8.34 -27.84 -0.71
N LYS B 79 -8.18 -27.00 -1.73
CA LYS B 79 -6.99 -26.25 -1.83
C LYS B 79 -7.00 -24.74 -1.72
N PHE B 80 -5.94 -24.25 -1.09
CA PHE B 80 -5.63 -22.79 -1.08
C PHE B 80 -4.63 -22.53 -2.22
N PHE B 81 -4.62 -21.33 -2.76
CA PHE B 81 -3.62 -20.92 -3.76
C PHE B 81 -3.51 -19.40 -3.78
N LEU B 82 -2.33 -18.92 -4.23
CA LEU B 82 -2.10 -17.53 -4.49
C LEU B 82 -2.63 -17.32 -5.91
N ILE B 83 -3.27 -16.19 -6.14
CA ILE B 83 -3.76 -15.86 -7.46
C ILE B 83 -2.90 -14.81 -8.14
N SER B 84 -2.68 -14.98 -9.43
CA SER B 84 -1.92 -14.02 -10.22
C SER B 84 -2.75 -12.75 -10.42
N ASP B 85 -2.05 -11.62 -10.54
CA ASP B 85 -2.71 -10.35 -10.85
C ASP B 85 -3.56 -10.50 -12.12
N ASN B 86 -3.21 -11.47 -12.99
CA ASN B 86 -3.97 -11.66 -14.23
C ASN B 86 -5.28 -12.43 -14.02
N ASN B 87 -5.55 -12.75 -12.75
CA ASN B 87 -6.74 -13.49 -12.34
C ASN B 87 -6.89 -14.86 -12.94
N ARG B 88 -5.79 -15.43 -13.42
CA ARG B 88 -5.80 -16.74 -14.07
C ARG B 88 -4.83 -17.78 -13.45
N ASP B 89 -3.54 -17.49 -13.50
CA ASP B 89 -2.54 -18.46 -13.00
C ASP B 89 -2.61 -18.57 -11.49
N LYS B 90 -2.44 -19.79 -11.00
CA LYS B 90 -2.55 -20.09 -9.59
C LYS B 90 -1.29 -20.76 -9.11
N LEU B 91 -0.92 -20.49 -7.87
CA LEU B 91 0.16 -21.21 -7.22
C LEU B 91 -0.44 -21.88 -6.00
N TYR B 92 -0.66 -23.20 -6.09
CA TYR B 92 -1.26 -23.94 -4.99
C TYR B 92 -0.28 -24.03 -3.83
N VAL B 93 -0.83 -23.85 -2.61
CA VAL B 93 -0.04 -23.89 -1.39
C VAL B 93 -0.73 -24.65 -0.29
N ASN B 94 0.07 -25.07 0.69
CA ASN B 94 -0.43 -25.63 1.92
C ASN B 94 -0.10 -24.59 2.96
N ILE B 95 -0.98 -24.40 3.94
CA ILE B 95 -0.69 -23.46 5.04
C ILE B 95 -0.64 -24.27 6.32
N ARG B 96 0.33 -23.96 7.17
CA ARG B 96 0.57 -24.76 8.39
C ARG B 96 1.23 -23.91 9.48
N PRO B 97 0.70 -23.98 10.71
CA PRO B 97 1.28 -23.22 11.82
C PRO B 97 2.67 -23.80 12.15
N THR B 98 3.64 -22.92 12.38
CA THR B 98 5.01 -23.34 12.69
C THR B 98 5.12 -24.12 14.01
N ASP B 99 4.15 -23.96 14.92
CA ASP B 99 4.16 -24.67 16.23
C ASP B 99 3.56 -26.07 16.16
N ASN B 100 3.14 -26.47 14.97
CA ASN B 100 2.51 -27.75 14.72
C ASN B 100 1.24 -28.02 15.51
N SER B 101 0.55 -26.96 15.95
CA SER B 101 -0.74 -27.13 16.63
C SER B 101 -1.71 -27.72 15.56
N ALA B 102 -2.88 -28.20 16.00
CA ALA B 102 -3.84 -28.82 15.07
C ALA B 102 -4.92 -27.85 14.56
N TRP B 103 -5.05 -27.82 13.24
CA TRP B 103 -6.00 -26.96 12.57
C TRP B 103 -6.71 -27.78 11.49
N THR B 104 -7.83 -27.25 11.01
CA THR B 104 -8.61 -27.89 9.98
C THR B 104 -8.92 -26.94 8.85
N THR B 105 -8.99 -27.49 7.65
CA THR B 105 -9.37 -26.73 6.46
C THR B 105 -10.81 -27.04 6.16
N ASP B 106 -11.61 -26.00 6.01
CA ASP B 106 -13.02 -26.15 5.67
C ASP B 106 -13.47 -25.13 4.68
N ASN B 107 -13.51 -25.50 3.41
CA ASN B 107 -14.08 -24.61 2.36
C ASN B 107 -13.53 -23.16 2.41
N GLY B 108 -12.23 -23.01 2.40
CA GLY B 108 -11.63 -21.67 2.37
C GLY B 108 -11.33 -21.10 3.72
N VAL B 109 -11.73 -21.82 4.78
CA VAL B 109 -11.47 -21.42 6.16
C VAL B 109 -10.46 -22.37 6.78
N PHE B 110 -9.51 -21.83 7.56
CA PHE B 110 -8.48 -22.65 8.21
C PHE B 110 -8.65 -22.28 9.67
N TYR B 111 -9.17 -23.23 10.45
CA TYR B 111 -9.50 -22.94 11.84
C TYR B 111 -8.80 -23.86 12.81
N LYS B 112 -8.54 -23.34 13.99
CA LYS B 112 -7.77 -24.06 15.01
C LYS B 112 -8.73 -25.00 15.77
N ASN B 113 -8.30 -26.25 15.96
CA ASN B 113 -9.15 -27.31 16.53
C ASN B 113 -9.56 -27.08 17.99
N ASP B 114 -8.83 -26.21 18.68
CA ASP B 114 -9.07 -25.95 20.11
C ASP B 114 -9.23 -24.43 20.35
N VAL B 115 -10.03 -24.06 21.35
CA VAL B 115 -10.24 -22.66 21.74
C VAL B 115 -8.96 -22.04 22.33
N GLY B 116 -8.86 -20.71 22.30
CA GLY B 116 -7.72 -20.04 22.89
C GLY B 116 -7.21 -18.90 22.00
N SER B 117 -6.60 -17.89 22.64
CA SER B 117 -6.07 -16.72 21.94
C SER B 117 -4.68 -16.99 21.39
N TRP B 118 -4.67 -17.83 20.38
CA TRP B 118 -3.43 -18.26 19.77
C TRP B 118 -2.64 -17.11 19.17
N GLY B 119 -1.33 -17.22 19.20
CA GLY B 119 -0.43 -16.30 18.48
C GLY B 119 0.60 -17.21 17.80
N GLY B 120 0.98 -16.91 16.57
CA GLY B 120 1.96 -17.76 15.93
C GLY B 120 2.23 -17.32 14.51
N ILE B 121 2.81 -18.23 13.74
CA ILE B 121 3.16 -17.98 12.35
C ILE B 121 2.48 -19.05 11.54
N ILE B 122 1.75 -18.63 10.52
CA ILE B 122 1.19 -19.54 9.54
C ILE B 122 2.15 -19.52 8.36
N GLY B 123 2.90 -20.60 8.19
CA GLY B 123 3.82 -20.71 7.07
C GLY B 123 3.03 -21.15 5.81
N ILE B 124 3.41 -20.58 4.67
CA ILE B 124 2.82 -20.89 3.37
C ILE B 124 3.92 -21.66 2.61
N TYR B 125 3.57 -22.83 2.08
CA TYR B 125 4.51 -23.72 1.36
C TYR B 125 3.88 -24.15 0.02
N VAL B 126 4.70 -24.34 -1.00
CA VAL B 126 4.22 -24.80 -2.31
C VAL B 126 3.62 -26.21 -2.16
N ASP B 127 2.42 -26.40 -2.70
CA ASP B 127 1.68 -27.69 -2.62
C ASP B 127 1.77 -28.38 -3.97
N GLY B 128 2.80 -29.22 -4.13
CA GLY B 128 3.11 -29.92 -5.37
C GLY B 128 4.06 -29.07 -6.23
N GLN B 129 4.98 -29.72 -6.96
CA GLN B 129 5.94 -28.98 -7.79
C GLN B 129 5.28 -28.10 -8.81
N GLN B 130 5.75 -26.87 -8.90
CA GLN B 130 5.13 -25.91 -9.78
C GLN B 130 6.18 -24.95 -10.35
N THR B 131 7.25 -25.54 -10.84
CA THR B 131 8.39 -24.80 -11.39
C THR B 131 8.08 -24.27 -12.78
N ASN B 132 6.90 -24.58 -13.28
CA ASN B 132 6.47 -23.99 -14.55
C ASN B 132 5.57 -22.76 -14.32
N THR B 133 5.37 -22.36 -13.06
CA THR B 133 4.59 -21.11 -12.73
C THR B 133 5.08 -19.87 -13.54
N PRO B 134 4.19 -19.21 -14.26
CA PRO B 134 4.64 -18.06 -15.06
C PRO B 134 5.09 -16.89 -14.17
N PRO B 135 6.17 -16.20 -14.57
CA PRO B 135 6.61 -15.05 -13.79
C PRO B 135 5.45 -14.07 -13.70
N GLY B 136 5.30 -13.43 -12.56
CA GLY B 136 4.22 -12.45 -12.35
C GLY B 136 4.08 -12.19 -10.86
N ASN B 137 2.98 -11.52 -10.48
CA ASN B 137 2.74 -11.19 -9.09
C ASN B 137 1.51 -11.94 -8.58
N TYR B 138 1.69 -12.62 -7.46
CA TYR B 138 0.66 -13.52 -6.95
C TYR B 138 0.28 -13.12 -5.52
N THR B 139 -1.00 -13.25 -5.19
CA THR B 139 -1.40 -12.92 -3.81
C THR B 139 -2.31 -13.94 -3.16
N LEU B 140 -2.20 -14.02 -1.84
CA LEU B 140 -3.12 -14.79 -1.01
C LEU B 140 -3.60 -13.85 0.10
N THR B 141 -4.91 -13.68 0.19
CA THR B 141 -5.50 -12.77 1.18
C THR B 141 -6.21 -13.58 2.25
N LEU B 142 -5.80 -13.36 3.50
CA LEU B 142 -6.44 -14.06 4.63
C LEU B 142 -6.97 -13.05 5.66
N THR B 143 -8.20 -13.31 6.09
CA THR B 143 -8.90 -12.46 7.06
C THR B 143 -9.12 -13.20 8.36
N GLY B 144 -8.73 -12.59 9.47
CA GLY B 144 -8.90 -13.22 10.77
C GLY B 144 -10.35 -13.20 11.29
N GLY B 145 -10.68 -14.22 12.10
CA GLY B 145 -11.98 -14.30 12.70
C GLY B 145 -12.00 -15.53 13.57
N TYR B 146 -13.20 -16.04 13.83
CA TYR B 146 -13.32 -17.27 14.62
C TYR B 146 -14.38 -18.21 14.03
N TRP B 147 -14.23 -19.49 14.35
CA TRP B 147 -15.09 -20.54 13.83
C TRP B 147 -16.04 -21.16 14.87
N ALA B 148 -17.20 -21.58 14.40
CA ALA B 148 -18.19 -22.28 15.22
C ALA B 148 -18.95 -23.25 14.29
N LYS B 149 -19.36 -24.44 14.73
CA LYS B 149 -19.23 -25.07 16.04
C LYS B 149 -18.24 -24.56 17.10
N GLY C 10 -15.68 30.87 1.31
CA GLY C 10 -14.56 30.00 1.71
C GLY C 10 -14.19 29.01 0.62
N SER C 11 -12.89 28.89 0.37
CA SER C 11 -12.38 27.98 -0.68
C SER C 11 -11.15 27.18 -0.24
N PHE C 12 -11.17 25.87 -0.50
CA PHE C 12 -10.01 25.04 -0.17
C PHE C 12 -9.11 24.83 -1.40
N THR C 13 -7.81 25.04 -1.21
CA THR C 13 -6.85 24.81 -2.28
C THR C 13 -6.07 23.57 -1.93
N PRO C 14 -6.23 22.49 -2.70
CA PRO C 14 -5.47 21.28 -2.42
C PRO C 14 -3.96 21.55 -2.63
N SER C 15 -3.16 21.27 -1.61
CA SER C 15 -1.72 21.53 -1.70
C SER C 15 -0.93 20.80 -0.62
N GLY C 16 -0.60 19.53 -0.90
CA GLY C 16 0.06 18.67 0.07
C GLY C 16 -0.40 17.23 -0.15
N THR C 17 -0.07 16.38 0.81
CA THR C 17 -0.31 14.96 0.66
C THR C 17 -1.62 14.48 1.24
N THR C 18 -2.00 13.27 0.84
CA THR C 18 -3.23 12.64 1.30
C THR C 18 -2.81 11.54 2.28
N GLY C 19 -3.40 11.58 3.47
CA GLY C 19 -3.20 10.57 4.50
C GLY C 19 -4.51 9.78 4.64
N THR C 20 -4.40 8.46 4.72
CA THR C 20 -5.58 7.58 4.87
C THR C 20 -5.56 6.86 6.19
N THR C 21 -6.56 7.13 7.03
CA THR C 21 -6.71 6.48 8.35
C THR C 21 -7.56 5.21 8.21
N LYS C 22 -7.00 4.08 8.57
CA LYS C 22 -7.69 2.81 8.52
C LYS C 22 -8.01 2.29 9.93
N LEU C 23 -9.24 1.85 10.12
CA LEU C 23 -9.65 1.25 11.36
C LEU C 23 -10.35 -0.08 11.06
N THR C 24 -9.94 -1.13 11.77
CA THR C 24 -10.67 -2.38 11.65
C THR C 24 -11.56 -2.53 12.86
N VAL C 25 -12.87 -2.61 12.65
CA VAL C 25 -13.80 -2.84 13.78
C VAL C 25 -14.03 -4.36 13.90
N THR C 26 -13.87 -4.90 15.11
CA THR C 26 -13.99 -6.34 15.33
C THR C 26 -15.02 -6.66 16.40
N GLU C 27 -15.22 -7.95 16.69
CA GLU C 27 -16.01 -8.42 17.87
C GLU C 27 -14.98 -8.53 19.01
N LYS C 28 -15.41 -9.01 20.16
CA LYS C 28 -14.48 -9.16 21.29
C LYS C 28 -13.28 -10.04 20.93
N CYS C 29 -13.55 -11.22 20.38
CA CYS C 29 -12.50 -12.13 19.90
C CYS C 29 -11.97 -11.54 18.58
N GLN C 30 -10.73 -11.10 18.63
CA GLN C 30 -10.09 -10.26 17.60
C GLN C 30 -8.83 -10.97 17.10
N VAL C 31 -8.79 -11.26 15.79
CA VAL C 31 -7.68 -12.00 15.22
C VAL C 31 -6.88 -11.11 14.26
N ARG C 32 -5.70 -10.66 14.69
CA ARG C 32 -4.86 -9.83 13.86
C ARG C 32 -4.06 -10.70 12.89
N VAL C 33 -4.06 -10.31 11.61
CA VAL C 33 -3.35 -11.07 10.58
C VAL C 33 -2.44 -10.11 9.82
N GLY C 34 -1.16 -10.44 9.74
CA GLY C 34 -0.22 -9.58 9.01
C GLY C 34 0.28 -8.46 9.92
N ASP C 35 0.84 -7.43 9.31
CA ASP C 35 1.41 -6.37 10.11
C ASP C 35 0.40 -5.55 10.90
N LEU C 36 0.92 -4.95 11.96
CA LEU C 36 0.13 -4.15 12.87
C LEU C 36 -0.66 -3.10 12.15
N THR C 37 -1.92 -2.93 12.56
CA THR C 37 -2.78 -1.85 12.11
C THR C 37 -3.74 -1.57 13.28
N VAL C 38 -4.50 -0.49 13.19
CA VAL C 38 -5.41 -0.11 14.27
C VAL C 38 -6.72 -0.86 14.20
N ALA C 39 -7.08 -1.54 15.29
CA ALA C 39 -8.32 -2.28 15.34
C ALA C 39 -9.00 -2.00 16.70
N LYS C 40 -10.31 -1.95 16.70
CA LYS C 40 -11.05 -1.73 17.95
C LYS C 40 -12.24 -2.65 17.96
N THR C 41 -12.58 -3.21 19.12
CA THR C 41 -13.79 -4.00 19.19
C THR C 41 -14.92 -2.99 19.08
N ARG C 42 -16.12 -3.45 18.72
CA ARG C 42 -17.24 -2.55 18.65
C ARG C 42 -17.64 -1.99 20.01
N GLY C 43 -17.43 -2.76 21.08
CA GLY C 43 -17.69 -2.29 22.43
C GLY C 43 -16.79 -1.12 22.82
N GLN C 44 -15.68 -0.94 22.10
CA GLN C 44 -14.81 0.23 22.38
C GLN C 44 -15.32 1.53 21.73
N LEU C 45 -16.34 1.45 20.88
CA LEU C 45 -16.77 2.66 20.15
C LEU C 45 -17.82 3.50 20.90
N THR C 46 -17.46 3.88 22.13
CA THR C 46 -18.29 4.72 22.99
C THR C 46 -18.03 6.18 22.54
N ASP C 47 -18.89 7.09 22.92
CA ASP C 47 -18.74 8.47 22.54
C ASP C 47 -17.40 9.02 23.04
N ALA C 48 -16.71 9.74 22.16
CA ALA C 48 -15.39 10.30 22.48
C ALA C 48 -14.19 9.37 22.50
N ALA C 49 -14.42 8.08 22.27
CA ALA C 49 -13.31 7.09 22.26
C ALA C 49 -12.30 7.46 21.14
N PRO C 50 -11.00 7.40 21.45
CA PRO C 50 -9.96 7.75 20.47
C PRO C 50 -9.89 6.63 19.45
N ILE C 51 -9.76 7.00 18.21
CA ILE C 51 -9.62 6.05 17.15
C ILE C 51 -8.13 6.03 16.73
N GLY C 52 -7.55 7.19 16.51
CA GLY C 52 -6.18 7.30 16.07
C GLY C 52 -5.78 8.72 15.71
N PRO C 53 -4.49 8.94 15.55
CA PRO C 53 -4.02 10.27 15.26
C PRO C 53 -3.70 10.38 13.77
N VAL C 54 -3.67 11.61 13.28
CA VAL C 54 -3.25 11.88 11.91
C VAL C 54 -2.20 12.96 12.05
N THR C 55 -0.96 12.63 11.65
CA THR C 55 0.12 13.59 11.76
C THR C 55 -0.01 14.59 10.64
N VAL C 56 0.27 15.85 10.97
CA VAL C 56 0.17 16.95 10.01
C VAL C 56 1.40 17.84 10.16
N GLN C 57 2.00 18.23 9.04
CA GLN C 57 3.10 19.18 9.05
C GLN C 57 3.03 20.09 7.84
N ALA C 58 2.77 21.38 8.08
CA ALA C 58 2.76 22.39 7.03
C ALA C 58 4.14 23.03 6.89
N LEU C 59 4.45 23.39 5.64
CA LEU C 59 5.70 24.09 5.30
C LEU C 59 5.32 25.19 4.29
N GLY C 60 5.89 26.39 4.44
CA GLY C 60 5.68 27.50 3.51
C GLY C 60 4.33 28.17 3.63
N CYS C 61 3.65 27.97 4.74
CA CYS C 61 2.31 28.50 4.92
C CYS C 61 2.31 29.59 5.97
N ASP C 62 3.44 30.29 6.16
CA ASP C 62 3.50 31.30 7.23
C ASP C 62 2.39 32.33 7.05
N ALA C 63 1.99 32.54 5.80
CA ALA C 63 0.93 33.51 5.44
C ALA C 63 -0.41 32.86 5.03
N ARG C 64 -0.58 31.57 5.31
CA ARG C 64 -1.80 30.85 4.90
C ARG C 64 -2.47 30.06 6.02
N GLN C 65 -3.75 29.76 5.83
CA GLN C 65 -4.46 28.99 6.82
C GLN C 65 -4.40 27.50 6.42
N VAL C 66 -3.73 26.70 7.25
CA VAL C 66 -3.60 25.27 6.98
C VAL C 66 -4.98 24.64 7.02
N ALA C 67 -5.22 23.67 6.16
CA ALA C 67 -6.50 22.96 6.12
C ALA C 67 -6.35 21.52 5.67
N LEU C 68 -7.36 20.72 5.97
CA LEU C 68 -7.44 19.32 5.57
C LEU C 68 -8.81 19.16 4.92
N LYS C 69 -8.86 18.49 3.76
CA LYS C 69 -10.15 18.20 3.13
C LYS C 69 -10.41 16.70 3.09
N ALA C 70 -11.59 16.29 3.57
CA ALA C 70 -11.96 14.87 3.62
C ALA C 70 -12.46 14.44 2.25
N ASP C 71 -12.34 13.15 1.95
CA ASP C 71 -12.89 12.64 0.70
C ASP C 71 -14.44 12.85 0.73
N THR C 72 -15.03 12.90 -0.45
CA THR C 72 -16.47 13.07 -0.56
C THR C 72 -17.26 12.06 0.26
N ASP C 73 -16.75 10.84 0.31
CA ASP C 73 -17.42 9.78 1.04
C ASP C 73 -17.00 9.71 2.50
N ASN C 74 -16.52 10.82 3.05
CA ASN C 74 -16.10 10.88 4.47
C ASN C 74 -16.74 12.05 5.21
N PHE C 75 -17.70 12.71 4.58
CA PHE C 75 -18.40 13.80 5.26
C PHE C 75 -19.81 13.98 4.73
N GLU C 76 -20.72 14.35 5.62
CA GLU C 76 -22.10 14.59 5.26
C GLU C 76 -22.38 16.09 5.32
N LYS C 79 -20.58 16.79 9.56
CA LYS C 79 -20.20 15.55 10.24
C LYS C 79 -19.19 14.75 9.40
N PHE C 80 -18.05 14.44 10.00
CA PHE C 80 -17.05 13.57 9.37
C PHE C 80 -17.32 12.15 9.77
N PHE C 81 -16.93 11.21 8.91
CA PHE C 81 -17.10 9.80 9.21
C PHE C 81 -16.13 8.94 8.41
N LEU C 82 -15.75 7.81 9.01
CA LEU C 82 -15.00 6.78 8.30
C LEU C 82 -16.03 5.97 7.56
N ILE C 83 -15.68 5.47 6.39
CA ILE C 83 -16.61 4.67 5.59
C ILE C 83 -16.10 3.24 5.47
N SER C 84 -17.00 2.28 5.65
CA SER C 84 -16.65 0.85 5.57
C SER C 84 -16.17 0.54 4.15
N ASP C 85 -15.41 -0.56 3.99
CA ASP C 85 -14.93 -1.05 2.67
C ASP C 85 -16.13 -1.46 1.82
N ASN C 86 -17.13 -2.03 2.48
CA ASN C 86 -18.43 -2.24 1.88
C ASN C 86 -18.84 -0.77 1.84
N ASN C 87 -19.65 -0.29 0.96
CA ASN C 87 -19.76 1.15 1.11
C ASN C 87 -21.04 1.74 1.66
N ARG C 88 -21.41 1.21 2.82
CA ARG C 88 -22.64 1.60 3.48
C ARG C 88 -22.34 2.13 4.89
N ASP C 89 -21.75 1.26 5.71
CA ASP C 89 -21.54 1.54 7.13
C ASP C 89 -20.63 2.72 7.37
N LYS C 90 -21.02 3.54 8.34
CA LYS C 90 -20.30 4.76 8.66
C LYS C 90 -20.00 4.80 10.14
N LEU C 91 -18.83 5.32 10.47
CA LEU C 91 -18.47 5.54 11.87
C LEU C 91 -18.26 7.05 12.03
N TYR C 92 -19.24 7.73 12.62
CA TYR C 92 -19.15 9.18 12.76
C TYR C 92 -18.08 9.53 13.75
N VAL C 93 -17.31 10.57 13.43
CA VAL C 93 -16.22 11.01 14.27
C VAL C 93 -16.12 12.51 14.29
N ASN C 94 -15.41 12.97 15.31
CA ASN C 94 -15.00 14.35 15.45
C ASN C 94 -13.48 14.38 15.35
N ILE C 95 -12.94 15.39 14.69
CA ILE C 95 -11.49 15.54 14.62
C ILE C 95 -11.11 16.82 15.35
N ARG C 96 -10.04 16.75 16.14
CA ARG C 96 -9.58 17.86 16.96
C ARG C 96 -8.06 17.80 17.13
N PRO C 97 -7.37 18.95 17.00
CA PRO C 97 -5.91 18.97 17.16
C PRO C 97 -5.61 18.75 18.64
N THR C 98 -4.55 18.01 18.93
CA THR C 98 -4.20 17.67 20.30
C THR C 98 -3.77 18.92 21.07
N ASP C 99 -3.21 19.91 20.37
CA ASP C 99 -2.72 21.13 21.02
C ASP C 99 -3.83 22.11 21.38
N ASN C 100 -5.08 21.73 21.06
CA ASN C 100 -6.25 22.58 21.33
C ASN C 100 -6.26 23.94 20.61
N SER C 101 -5.55 24.03 19.48
CA SER C 101 -5.61 25.23 18.64
C SER C 101 -7.02 25.35 18.04
N ALA C 102 -7.36 26.55 17.58
CA ALA C 102 -8.72 26.82 17.08
C ALA C 102 -8.86 26.51 15.60
N TRP C 103 -9.79 25.60 15.28
CA TRP C 103 -10.09 25.24 13.89
C TRP C 103 -11.60 25.30 13.68
N THR C 104 -11.97 25.31 12.41
CA THR C 104 -13.34 25.36 11.96
C THR C 104 -13.62 24.30 10.92
N THR C 105 -14.85 23.84 10.88
CA THR C 105 -15.32 22.87 9.89
C THR C 105 -16.20 23.58 8.89
N ASP C 106 -15.86 23.46 7.60
CA ASP C 106 -16.71 24.00 6.54
C ASP C 106 -16.94 22.95 5.48
N ASN C 107 -18.08 22.27 5.50
CA ASN C 107 -18.45 21.32 4.43
C ASN C 107 -17.29 20.39 3.93
N GLY C 108 -16.77 19.55 4.82
CA GLY C 108 -15.73 18.60 4.43
C GLY C 108 -14.32 19.11 4.66
N VAL C 109 -14.21 20.43 4.90
CA VAL C 109 -12.94 21.10 5.17
C VAL C 109 -12.78 21.43 6.66
N PHE C 110 -11.63 21.10 7.20
CA PHE C 110 -11.27 21.40 8.58
C PHE C 110 -10.07 22.31 8.43
N TYR C 111 -10.27 23.59 8.71
CA TYR C 111 -9.20 24.60 8.54
C TYR C 111 -8.82 25.34 9.83
N LYS C 112 -7.57 25.77 9.93
CA LYS C 112 -7.07 26.44 11.12
C LYS C 112 -7.47 27.94 11.08
N ASN C 113 -8.00 28.44 12.20
CA ASN C 113 -8.52 29.82 12.33
C ASN C 113 -7.51 30.96 12.11
N ASP C 114 -6.23 30.66 12.21
CA ASP C 114 -5.17 31.65 12.06
C ASP C 114 -4.14 31.13 11.07
N VAL C 115 -3.40 32.03 10.42
CA VAL C 115 -2.34 31.66 9.50
C VAL C 115 -1.12 31.09 10.25
N GLY C 116 -0.30 30.33 9.56
CA GLY C 116 0.92 29.78 10.17
C GLY C 116 1.19 28.34 9.72
N SER C 117 2.47 27.95 9.69
CA SER C 117 2.91 26.61 9.28
C SER C 117 2.76 25.62 10.41
N TRP C 118 1.52 25.34 10.75
CA TRP C 118 1.22 24.47 11.89
C TRP C 118 1.76 23.05 11.69
N GLY C 119 2.23 22.46 12.79
CA GLY C 119 2.59 21.04 12.83
C GLY C 119 1.84 20.48 14.04
N GLY C 120 1.34 19.25 13.96
CA GLY C 120 0.65 18.71 15.10
C GLY C 120 0.01 17.37 14.82
N ILE C 121 -0.92 17.01 15.69
CA ILE C 121 -1.62 15.71 15.59
C ILE C 121 -3.09 16.02 15.56
N ILE C 122 -3.78 15.53 14.53
CA ILE C 122 -5.21 15.62 14.47
C ILE C 122 -5.77 14.32 15.03
N GLY C 123 -6.39 14.41 16.21
CA GLY C 123 -6.95 13.22 16.83
C GLY C 123 -8.32 12.96 16.22
N ILE C 124 -8.63 11.67 16.07
CA ILE C 124 -9.89 11.21 15.56
C ILE C 124 -10.61 10.53 16.73
N TYR C 125 -11.79 11.04 17.07
CA TYR C 125 -12.60 10.50 18.18
C TYR C 125 -14.02 10.08 17.72
N VAL C 126 -14.56 9.01 18.30
CA VAL C 126 -15.94 8.56 18.05
C VAL C 126 -16.93 9.70 18.46
N ASP C 127 -17.90 9.99 17.61
CA ASP C 127 -18.85 11.11 17.79
C ASP C 127 -20.22 10.49 17.99
N GLY C 128 -20.59 10.26 19.25
CA GLY C 128 -21.82 9.56 19.59
C GLY C 128 -21.56 8.06 19.70
N GLN C 129 -22.19 7.42 20.69
CA GLN C 129 -21.99 5.98 20.88
C GLN C 129 -22.36 5.21 19.63
N GLN C 130 -21.45 4.33 19.25
CA GLN C 130 -21.62 3.54 18.05
C GLN C 130 -21.06 2.15 18.26
N THR C 131 -21.51 1.54 19.35
CA THR C 131 -21.05 0.19 19.71
C THR C 131 -21.78 -0.83 18.91
N ASN C 132 -22.72 -0.39 18.08
CA ASN C 132 -23.37 -1.35 17.18
C ASN C 132 -22.75 -1.34 15.76
N THR C 133 -21.60 -0.67 15.62
CA THR C 133 -20.89 -0.61 14.31
C THR C 133 -20.54 -2.00 13.78
N PRO C 134 -21.02 -2.37 12.61
CA PRO C 134 -20.72 -3.71 12.09
C PRO C 134 -19.19 -3.89 11.94
N PRO C 135 -18.69 -5.09 12.23
CA PRO C 135 -17.27 -5.37 12.04
C PRO C 135 -16.97 -5.09 10.57
N GLY C 136 -15.76 -4.63 10.30
CA GLY C 136 -15.35 -4.33 8.92
C GLY C 136 -14.14 -3.42 8.92
N ASN C 137 -13.74 -2.97 7.74
CA ASN C 137 -12.59 -2.11 7.61
C ASN C 137 -13.08 -0.77 7.17
N TYR C 138 -12.72 0.23 7.95
CA TYR C 138 -13.25 1.60 7.79
C TYR C 138 -12.10 2.56 7.46
N THR C 139 -12.35 3.56 6.63
CA THR C 139 -11.29 4.52 6.30
C THR C 139 -11.72 5.98 6.33
N LEU C 140 -10.79 6.84 6.68
CA LEU C 140 -11.00 8.28 6.56
C LEU C 140 -9.81 8.86 5.80
N THR C 141 -10.10 9.50 4.67
CA THR C 141 -9.08 10.06 3.81
C THR C 141 -9.06 11.62 3.90
N LEU C 142 -7.90 12.16 4.26
CA LEU C 142 -7.74 13.64 4.39
C LEU C 142 -6.60 14.15 3.50
N THR C 143 -6.91 15.21 2.76
CA THR C 143 -5.91 15.80 1.86
C THR C 143 -5.49 17.16 2.39
N GLY C 144 -4.17 17.40 2.43
CA GLY C 144 -3.66 18.68 2.91
C GLY C 144 -3.80 19.84 1.88
N GLY C 145 -3.91 21.07 2.37
CA GLY C 145 -3.99 22.22 1.48
C GLY C 145 -4.24 23.44 2.33
N TYR C 146 -4.78 24.49 1.73
CA TYR C 146 -5.05 25.70 2.49
C TYR C 146 -6.38 26.35 2.19
N TRP C 147 -6.87 27.10 3.17
CA TRP C 147 -8.19 27.71 3.12
C TRP C 147 -8.15 29.20 2.97
N ALA C 148 -9.13 29.71 2.22
CA ALA C 148 -9.30 31.17 2.04
C ALA C 148 -10.79 31.49 1.93
N LYS C 149 -11.17 32.65 2.45
CA LYS C 149 -12.57 33.08 2.45
C LYS C 149 -13.06 33.69 1.12
C1 CL8 D . 18.59 11.46 -7.17
CL1 CL8 D . 17.17 11.76 -8.21
CL2 CL8 D . 18.97 9.72 -6.97
C2 CL8 D . 18.22 12.12 -5.80
O2 CL8 D . 17.23 11.70 -5.15
N2 CL8 D . 18.96 13.13 -5.50
S SO4 E . -0.92 7.34 5.04
O1 SO4 E . -2.37 7.32 4.64
O2 SO4 E . -0.27 6.03 4.98
O3 SO4 E . -0.23 8.16 4.00
O4 SO4 E . -0.83 8.07 6.32
C1 CL8 F . 7.93 -20.46 6.62
CL1 CL8 F . 6.95 -20.49 5.13
CL2 CL8 F . 7.10 -19.62 7.96
C2 CL8 F . 9.20 -19.67 6.20
O2 CL8 F . 9.08 -18.58 5.59
N2 CL8 F . 10.30 -20.29 6.45
S SO4 G . 7.82 0.56 -4.05
O1 SO4 G . 7.60 1.25 -5.36
O2 SO4 G . 6.85 0.93 -3.01
O3 SO4 G . 7.55 -0.89 -4.31
O4 SO4 G . 9.24 0.69 -3.72
C1 CL8 H . -5.77 10.57 19.89
CL1 CL8 H . -7.12 10.07 18.85
CL2 CL8 H . -4.55 11.52 19.01
C2 CL8 H . -5.15 9.25 20.41
O2 CL8 H . -4.84 8.35 19.60
N2 CL8 H . -4.94 9.24 21.68
S SO4 I . -0.23 -7.12 5.41
O1 SO4 I . -0.88 -7.91 4.33
O2 SO4 I . 0.66 -6.07 4.91
O3 SO4 I . -1.33 -6.42 6.12
O4 SO4 I . 0.38 -8.08 6.35
#